data_8B94
#
_entry.id   8B94
#
_cell.length_a   60.444
_cell.length_b   85.896
_cell.length_c   121.271
_cell.angle_alpha   90.000
_cell.angle_beta   90.000
_cell.angle_gamma   90.000
#
_symmetry.space_group_name_H-M   'P 21 21 21'
#
loop_
_entity.id
_entity.type
_entity.pdbx_description
1 polymer 'Peroxisome proliferator-activated receptor gamma'
2 polymer 'Nuclear receptor corepressor 2'
3 non-polymer ~{N}3-[4-[bis(fluoranyl)methoxy]-2-methyl-phenyl]-4-chloranyl-6-fluoranyl-~{N}1-[(4-fluorophenyl)methyl]benzene-1,3-dicarboxamide
4 water water
#
loop_
_entity_poly.entity_id
_entity_poly.type
_entity_poly.pdbx_seq_one_letter_code
_entity_poly.pdbx_strand_id
1 'polypeptide(L)'
;GSHMQLNPESADLRALAKHLYDSYIKSFPLTKAKARAILTGKTTDKSPFVIYDMNSLMMGEDKIKFKHITPLQEQSKEVA
IRIFQGCQFRSVEAVQEITEYAKSIPGFVNLDLNDQVTLLKYGVHEIIYTMLASLMNKDGVLISEGQGFMTREFLKSLRK
PFGDFMEPKFEFAVKFNALELDDSDLAIFIAVIILSGDRPGLLNVKPIEDIQDNLLQALELQLKLNHPESSQLFAKLLQK
MTDLRQIVTEHVQLLQVIKKTETDMSLHPLLQEIYKDLY
;
A,B
2 'polypeptide(L)' HASTNMGLEAIIRKALMGKYDQW C,D
#
# COMPACT_ATOMS: atom_id res chain seq x y z
N HIS A 3 25.21 -11.72 8.67
CA HIS A 3 25.37 -10.58 9.60
C HIS A 3 25.65 -9.28 8.83
N MET A 4 25.40 -8.12 9.45
CA MET A 4 25.66 -6.81 8.81
C MET A 4 27.13 -6.40 9.02
N GLN A 5 27.74 -5.92 7.95
CA GLN A 5 29.13 -5.42 7.93
C GLN A 5 29.16 -3.98 7.46
N LEU A 6 30.14 -3.23 7.94
CA LEU A 6 30.48 -1.89 7.44
C LEU A 6 31.49 -2.07 6.30
N ASN A 7 31.01 -2.06 5.08
CA ASN A 7 31.82 -2.37 3.90
C ASN A 7 31.58 -1.28 2.87
N PRO A 8 32.24 -1.33 1.70
CA PRO A 8 32.13 -0.26 0.72
C PRO A 8 30.67 -0.07 0.28
N GLU A 9 29.95 -1.18 0.14
CA GLU A 9 28.53 -1.10 -0.30
C GLU A 9 27.69 -0.36 0.77
N SER A 10 27.86 -0.72 2.03
CA SER A 10 27.08 -0.08 3.13
C SER A 10 27.48 1.40 3.22
N ALA A 11 28.75 1.74 2.98
CA ALA A 11 29.17 3.14 3.11
C ALA A 11 28.56 3.98 1.98
N ASP A 12 28.41 3.39 0.79
CA ASP A 12 27.83 4.12 -0.35
C ASP A 12 26.34 4.37 0.00
N LEU A 13 25.69 3.37 0.60
CA LEU A 13 24.27 3.55 0.99
C LEU A 13 24.13 4.63 2.08
N ARG A 14 25.05 4.72 3.02
CA ARG A 14 25.03 5.82 4.02
C ARG A 14 25.26 7.17 3.33
N ALA A 15 26.16 7.21 2.34
CA ALA A 15 26.40 8.52 1.70
C ALA A 15 25.18 8.95 0.89
N LEU A 16 24.48 8.02 0.24
CA LEU A 16 23.21 8.29 -0.48
C LEU A 16 22.18 8.82 0.55
N ALA A 17 22.08 8.18 1.68
CA ALA A 17 21.12 8.58 2.75
C ALA A 17 21.45 10.02 3.18
N LYS A 18 22.72 10.34 3.35
CA LYS A 18 23.15 11.69 3.81
C LYS A 18 22.87 12.73 2.71
N HIS A 19 23.16 12.37 1.44
CA HIS A 19 22.81 13.22 0.28
C HIS A 19 21.32 13.59 0.29
N LEU A 20 20.44 12.58 0.46
CA LEU A 20 18.99 12.79 0.50
C LEU A 20 18.58 13.62 1.71
N TYR A 21 19.18 13.37 2.86
CA TYR A 21 18.85 14.15 4.07
C TYR A 21 19.19 15.61 3.81
N ASP A 22 20.39 15.87 3.29
CA ASP A 22 20.82 17.29 3.09
C ASP A 22 19.87 18.00 2.10
N SER A 23 19.46 17.32 1.05
N SER A 23 19.47 17.29 1.05
CA SER A 23 18.55 17.88 0.03
CA SER A 23 18.56 17.76 -0.04
C SER A 23 17.19 18.12 0.68
C SER A 23 17.16 18.00 0.53
N TYR A 24 16.75 17.14 1.47
CA TYR A 24 15.44 17.21 2.15
C TYR A 24 15.39 18.47 3.04
N ILE A 25 16.42 18.72 3.83
CA ILE A 25 16.60 19.91 4.73
C ILE A 25 16.49 21.18 3.87
N LYS A 26 17.14 21.17 2.71
CA LYS A 26 17.19 22.31 1.78
C LYS A 26 15.80 22.57 1.18
N SER A 27 15.06 21.52 0.78
CA SER A 27 13.80 21.68 0.01
C SER A 27 12.62 21.95 0.95
N PHE A 28 12.69 21.49 2.21
CA PHE A 28 11.58 21.56 3.19
C PHE A 28 12.09 22.24 4.46
N PRO A 29 12.00 23.58 4.48
CA PRO A 29 12.56 24.36 5.58
C PRO A 29 12.03 23.93 6.96
N LEU A 30 10.75 23.64 7.07
CA LEU A 30 10.20 23.22 8.40
C LEU A 30 10.28 21.69 8.48
N THR A 31 11.33 21.24 9.12
CA THR A 31 11.67 19.82 9.27
C THR A 31 10.77 19.20 10.33
N LYS A 32 10.76 17.88 10.40
CA LYS A 32 10.02 17.26 11.50
C LYS A 32 10.68 17.65 12.82
N ALA A 33 12.02 17.66 12.92
CA ALA A 33 12.63 17.98 14.21
C ALA A 33 12.16 19.35 14.69
N LYS A 34 12.03 20.32 13.79
N LYS A 34 12.12 20.33 13.79
CA LYS A 34 11.65 21.70 14.21
CA LYS A 34 11.66 21.70 14.16
C LYS A 34 10.14 21.74 14.50
C LYS A 34 10.20 21.59 14.59
N ALA A 35 9.36 21.01 13.73
CA ALA A 35 7.91 20.89 13.98
C ALA A 35 7.70 20.28 15.35
N ARG A 36 8.38 19.18 15.67
CA ARG A 36 8.20 18.50 16.97
C ARG A 36 8.57 19.44 18.12
N ALA A 37 9.67 20.18 17.98
CA ALA A 37 10.13 21.14 18.99
C ALA A 37 9.03 22.19 19.21
N ILE A 38 8.42 22.70 18.14
CA ILE A 38 7.31 23.69 18.28
C ILE A 38 6.14 23.02 19.01
N LEU A 39 5.77 21.80 18.61
CA LEU A 39 4.54 21.15 19.11
C LEU A 39 4.71 20.73 20.56
N THR A 40 5.92 20.49 21.04
CA THR A 40 6.15 20.01 22.43
C THR A 40 6.63 21.17 23.32
N GLY A 41 6.56 22.40 22.84
CA GLY A 41 6.96 23.64 23.54
C GLY A 41 8.43 23.59 23.93
N LYS A 42 9.25 22.88 23.15
CA LYS A 42 10.71 22.69 23.44
C LYS A 42 11.52 23.56 22.48
N THR A 43 11.07 24.76 22.15
CA THR A 43 11.79 25.66 21.22
C THR A 43 11.86 27.07 21.78
N THR A 44 12.88 27.86 21.42
CA THR A 44 12.93 29.31 21.72
C THR A 44 12.26 30.13 20.62
N ASP A 45 11.85 29.49 19.54
CA ASP A 45 11.15 30.20 18.43
C ASP A 45 9.76 30.65 18.90
N LYS A 46 9.14 31.49 18.09
CA LYS A 46 7.84 32.16 18.39
C LYS A 46 6.77 31.08 18.61
N SER A 47 5.97 31.24 19.66
CA SER A 47 4.87 30.30 20.01
C SER A 47 3.73 30.48 19.00
N PRO A 48 3.25 29.39 18.36
CA PRO A 48 2.15 29.50 17.39
C PRO A 48 0.84 30.01 18.01
N PHE A 49 0.10 30.80 17.24
CA PHE A 49 -1.28 31.22 17.55
C PHE A 49 -2.20 30.02 17.34
N VAL A 50 -3.11 29.74 18.27
CA VAL A 50 -4.00 28.55 18.16
C VAL A 50 -5.40 28.97 17.68
N ILE A 51 -5.82 28.33 16.61
CA ILE A 51 -7.18 28.48 16.08
C ILE A 51 -7.94 27.23 16.53
N TYR A 52 -8.92 27.41 17.41
CA TYR A 52 -9.67 26.30 18.05
C TYR A 52 -11.17 26.60 17.90
N ASP A 53 -11.55 27.76 17.38
CA ASP A 53 -12.98 28.07 17.22
C ASP A 53 -13.13 29.21 16.21
N MET A 54 -14.37 29.61 15.86
CA MET A 54 -14.58 30.69 14.85
C MET A 54 -13.98 32.01 15.33
N ASN A 55 -14.13 32.38 16.60
CA ASN A 55 -13.57 33.66 17.14
C ASN A 55 -12.04 33.65 16.99
N SER A 56 -11.36 32.53 17.28
CA SER A 56 -9.89 32.52 17.19
C SER A 56 -9.49 32.46 15.71
N LEU A 57 -10.28 31.87 14.83
CA LEU A 57 -9.97 31.95 13.38
C LEU A 57 -10.03 33.41 12.96
N MET A 58 -11.15 34.09 13.23
CA MET A 58 -11.33 35.50 12.76
C MET A 58 -10.13 36.29 13.26
N MET A 59 -9.73 36.12 14.54
CA MET A 59 -8.58 36.80 15.17
C MET A 59 -7.24 36.33 14.57
N GLY A 60 -7.17 35.08 14.12
CA GLY A 60 -5.92 34.50 13.57
C GLY A 60 -5.64 34.99 12.16
N GLU A 61 -6.69 35.08 11.33
CA GLU A 61 -6.62 35.63 9.95
C GLU A 61 -5.81 36.93 9.99
N ASP A 62 -5.96 37.70 11.08
CA ASP A 62 -5.42 39.07 11.27
C ASP A 62 -4.06 39.04 11.98
N LYS A 63 -3.77 38.02 12.81
CA LYS A 63 -2.59 37.97 13.71
C LYS A 63 -1.53 37.00 13.18
N ILE A 64 -1.93 35.93 12.50
CA ILE A 64 -0.99 35.01 11.78
C ILE A 64 -0.67 35.66 10.43
N LYS A 65 0.59 35.58 10.01
CA LYS A 65 1.10 36.23 8.77
C LYS A 65 1.22 35.17 7.66
N PHE A 66 0.15 35.01 6.90
CA PHE A 66 -0.03 34.02 5.80
C PHE A 66 0.69 34.52 4.53
N LYS A 67 1.27 33.59 3.76
CA LYS A 67 2.09 33.89 2.56
C LYS A 67 1.19 34.25 1.35
N HIS A 68 -0.13 34.06 1.45
CA HIS A 68 -1.12 34.33 0.37
C HIS A 68 -1.90 35.62 0.67
N ILE A 69 -1.90 36.57 -0.28
CA ILE A 69 -2.44 37.95 -0.13
C ILE A 69 -3.75 37.94 0.67
N SER A 76 -13.63 35.02 -0.85
CA SER A 76 -14.98 34.49 -0.49
C SER A 76 -15.37 34.95 0.91
N LYS A 77 -16.66 35.11 1.17
CA LYS A 77 -17.18 35.58 2.49
C LYS A 77 -17.29 34.38 3.44
N GLU A 78 -17.04 33.16 2.96
CA GLU A 78 -17.34 31.94 3.74
C GLU A 78 -16.03 31.35 4.29
N VAL A 79 -16.00 31.16 5.61
CA VAL A 79 -14.78 30.73 6.38
C VAL A 79 -14.23 29.43 5.76
N ALA A 80 -15.10 28.44 5.55
CA ALA A 80 -14.70 27.09 5.13
C ALA A 80 -14.00 27.19 3.76
N ILE A 81 -14.50 28.02 2.85
CA ILE A 81 -13.88 28.25 1.51
C ILE A 81 -12.57 29.05 1.67
N ARG A 82 -12.48 30.05 2.55
CA ARG A 82 -11.22 30.81 2.75
C ARG A 82 -10.13 29.83 3.23
N ILE A 83 -10.48 28.93 4.12
CA ILE A 83 -9.53 27.94 4.70
C ILE A 83 -9.15 26.95 3.60
N PHE A 84 -10.12 26.43 2.87
CA PHE A 84 -9.82 25.45 1.81
C PHE A 84 -8.90 26.10 0.76
N GLN A 85 -9.10 27.38 0.47
CA GLN A 85 -8.26 28.08 -0.52
C GLN A 85 -6.82 28.21 0.01
N GLY A 86 -6.63 28.56 1.29
CA GLY A 86 -5.30 28.58 1.93
C GLY A 86 -4.65 27.20 1.82
N CYS A 87 -5.45 26.16 1.99
CA CYS A 87 -4.99 24.75 1.88
C CYS A 87 -4.48 24.52 0.45
N GLN A 88 -5.24 24.94 -0.56
CA GLN A 88 -4.91 24.76 -1.98
C GLN A 88 -3.59 25.47 -2.30
N PHE A 89 -3.40 26.69 -1.79
CA PHE A 89 -2.20 27.50 -2.11
C PHE A 89 -0.96 26.81 -1.50
N ARG A 90 -1.10 26.35 -0.28
CA ARG A 90 0.00 25.65 0.42
C ARG A 90 0.36 24.39 -0.37
N SER A 91 -0.59 23.68 -0.95
CA SER A 91 -0.29 22.44 -1.73
C SER A 91 0.49 22.78 -3.00
N VAL A 92 0.18 23.93 -3.65
CA VAL A 92 0.96 24.40 -4.82
C VAL A 92 2.41 24.58 -4.40
N GLU A 93 2.68 25.29 -3.30
CA GLU A 93 4.05 25.49 -2.75
C GLU A 93 4.70 24.11 -2.51
N ALA A 94 3.95 23.16 -1.95
CA ALA A 94 4.49 21.84 -1.55
C ALA A 94 4.85 21.05 -2.82
N VAL A 95 4.01 21.08 -3.84
CA VAL A 95 4.35 20.44 -5.13
C VAL A 95 5.71 20.99 -5.61
N GLN A 96 5.93 22.31 -5.54
CA GLN A 96 7.22 22.87 -5.98
C GLN A 96 8.39 22.32 -5.14
N GLU A 97 8.26 22.31 -3.81
CA GLU A 97 9.32 21.82 -2.89
C GLU A 97 9.62 20.33 -3.20
N ILE A 98 8.55 19.57 -3.39
CA ILE A 98 8.70 18.11 -3.67
C ILE A 98 9.43 17.93 -5.00
N THR A 99 9.06 18.73 -6.01
CA THR A 99 9.75 18.66 -7.31
C THR A 99 11.23 19.03 -7.14
N GLU A 100 11.53 20.10 -6.42
CA GLU A 100 12.95 20.48 -6.13
C GLU A 100 13.69 19.32 -5.45
N TYR A 101 13.03 18.63 -4.49
CA TYR A 101 13.65 17.49 -3.80
C TYR A 101 13.93 16.36 -4.81
N ALA A 102 12.98 16.06 -5.65
CA ALA A 102 13.07 14.96 -6.63
C ALA A 102 14.29 15.21 -7.53
N LYS A 103 14.51 16.47 -7.92
CA LYS A 103 15.67 16.79 -8.81
C LYS A 103 16.99 16.36 -8.16
N SER A 104 17.09 16.29 -6.82
CA SER A 104 18.33 15.91 -6.11
C SER A 104 18.50 14.38 -6.04
N ILE A 105 17.47 13.60 -6.36
CA ILE A 105 17.64 12.12 -6.15
C ILE A 105 18.52 11.63 -7.29
N PRO A 106 19.67 10.99 -7.00
CA PRO A 106 20.60 10.55 -8.06
C PRO A 106 19.88 9.68 -9.10
N GLY A 107 19.99 10.08 -10.36
CA GLY A 107 19.34 9.34 -11.45
C GLY A 107 18.08 10.04 -11.94
N PHE A 108 17.33 10.75 -11.10
CA PHE A 108 15.97 11.25 -11.45
C PHE A 108 15.98 12.19 -12.70
N VAL A 109 16.84 13.21 -12.73
CA VAL A 109 16.82 14.20 -13.86
C VAL A 109 17.41 13.54 -15.12
N ASN A 110 18.02 12.36 -15.05
CA ASN A 110 18.49 11.64 -16.27
C ASN A 110 17.38 10.77 -16.86
N LEU A 111 16.21 10.65 -16.20
CA LEU A 111 15.05 9.92 -16.76
C LEU A 111 14.39 10.78 -17.83
N ASP A 112 13.67 10.15 -18.76
CA ASP A 112 12.78 10.84 -19.74
C ASP A 112 11.89 11.85 -18.98
N LEU A 113 11.84 13.08 -19.47
CA LEU A 113 11.15 14.21 -18.79
C LEU A 113 9.69 13.81 -18.57
N ASN A 114 9.06 13.19 -19.57
CA ASN A 114 7.63 12.79 -19.43
C ASN A 114 7.51 11.86 -18.20
N ASP A 115 8.51 10.99 -17.97
CA ASP A 115 8.42 10.03 -16.85
C ASP A 115 8.68 10.77 -15.53
N GLN A 116 9.60 11.73 -15.52
CA GLN A 116 9.82 12.65 -14.36
C GLN A 116 8.47 13.27 -14.01
N VAL A 117 7.73 13.83 -14.98
CA VAL A 117 6.42 14.49 -14.72
C VAL A 117 5.42 13.48 -14.18
N THR A 118 5.40 12.27 -14.74
CA THR A 118 4.39 11.26 -14.36
C THR A 118 4.68 10.82 -12.91
N LEU A 119 5.93 10.57 -12.60
CA LEU A 119 6.32 10.16 -11.21
C LEU A 119 5.83 11.22 -10.22
N LEU A 120 6.06 12.48 -10.50
CA LEU A 120 5.71 13.58 -9.58
C LEU A 120 4.18 13.72 -9.53
N LYS A 121 3.51 13.68 -10.69
CA LYS A 121 2.05 13.86 -10.78
C LYS A 121 1.37 12.85 -9.86
N TYR A 122 1.79 11.58 -9.90
CA TYR A 122 1.14 10.50 -9.11
C TYR A 122 1.75 10.38 -7.72
N GLY A 123 2.86 11.03 -7.42
CA GLY A 123 3.57 10.89 -6.13
C GLY A 123 3.27 12.01 -5.15
N VAL A 124 2.98 13.23 -5.62
CA VAL A 124 3.03 14.39 -4.70
C VAL A 124 1.94 14.25 -3.63
N HIS A 125 0.76 13.73 -3.92
CA HIS A 125 -0.28 13.64 -2.86
C HIS A 125 0.16 12.63 -1.76
N GLU A 126 0.73 11.51 -2.14
CA GLU A 126 1.25 10.53 -1.13
C GLU A 126 2.28 11.24 -0.22
N ILE A 127 3.16 12.01 -0.82
CA ILE A 127 4.23 12.74 -0.10
C ILE A 127 3.61 13.85 0.75
N ILE A 128 2.51 14.46 0.29
N ILE A 128 2.74 14.67 0.16
CA ILE A 128 1.78 15.50 1.08
CA ILE A 128 2.15 15.81 0.91
C ILE A 128 1.15 14.89 2.34
C ILE A 128 1.69 15.23 2.25
N TYR A 129 0.51 13.72 2.25
N TYR A 129 1.02 14.08 2.23
CA TYR A 129 0.01 13.06 3.49
CA TYR A 129 0.30 13.54 3.43
C TYR A 129 1.18 12.82 4.45
C TYR A 129 1.27 12.73 4.32
N THR A 130 2.28 12.30 3.89
N THR A 130 2.44 12.32 3.82
CA THR A 130 3.50 11.91 4.65
CA THR A 130 3.53 11.89 4.70
C THR A 130 4.01 13.13 5.42
C THR A 130 4.07 13.12 5.43
N MET A 131 4.27 14.21 4.70
CA MET A 131 4.86 15.44 5.27
C MET A 131 3.89 16.18 6.21
N LEU A 132 2.58 16.14 5.96
CA LEU A 132 1.56 16.68 6.90
C LEU A 132 1.67 16.00 8.26
N ALA A 133 1.95 14.69 8.33
CA ALA A 133 2.06 13.96 9.61
C ALA A 133 3.11 14.63 10.49
N SER A 134 4.23 15.06 9.87
CA SER A 134 5.31 15.72 10.60
C SER A 134 4.82 16.97 11.34
N LEU A 135 3.76 17.58 10.85
CA LEU A 135 3.19 18.86 11.37
C LEU A 135 2.00 18.59 12.32
N MET A 136 1.63 17.34 12.55
CA MET A 136 0.37 17.00 13.23
C MET A 136 0.68 16.37 14.59
N ASN A 137 -0.20 16.65 15.54
CA ASN A 137 -0.31 15.85 16.78
C ASN A 137 -1.79 15.50 16.96
N LYS A 138 -2.11 14.88 18.09
CA LYS A 138 -3.51 14.47 18.40
C LYS A 138 -4.45 15.68 18.32
N ASP A 139 -3.95 16.87 18.60
CA ASP A 139 -4.79 18.09 18.76
C ASP A 139 -5.00 18.82 17.42
N GLY A 140 -4.09 18.75 16.48
CA GLY A 140 -4.19 19.65 15.33
C GLY A 140 -2.93 19.67 14.52
N VAL A 141 -2.85 20.69 13.69
CA VAL A 141 -1.82 20.77 12.63
C VAL A 141 -1.19 22.15 12.62
N LEU A 142 0.13 22.19 12.53
CA LEU A 142 0.87 23.46 12.36
C LEU A 142 0.60 24.05 10.96
N ILE A 143 0.35 25.35 10.89
CA ILE A 143 0.07 26.07 9.63
C ILE A 143 0.99 27.29 9.53
N SER A 144 1.08 27.88 8.34
N SER A 144 1.03 27.86 8.32
CA SER A 144 1.84 29.15 8.14
CA SER A 144 1.84 29.06 7.96
C SER A 144 3.28 29.02 8.63
C SER A 144 3.23 29.00 8.59
N GLU A 145 4.02 28.01 8.15
CA GLU A 145 5.44 27.78 8.57
C GLU A 145 5.56 27.81 10.09
N GLY A 146 4.60 27.23 10.80
CA GLY A 146 4.74 27.09 12.26
C GLY A 146 4.28 28.30 13.02
N GLN A 147 3.67 29.28 12.37
CA GLN A 147 3.20 30.50 13.08
C GLN A 147 1.81 30.25 13.67
N GLY A 148 1.10 29.26 13.13
CA GLY A 148 -0.26 28.98 13.58
C GLY A 148 -0.44 27.51 13.86
N PHE A 149 -1.52 27.16 14.55
CA PHE A 149 -1.86 25.78 14.88
C PHE A 149 -3.38 25.69 14.81
N MET A 150 -3.89 24.90 13.89
CA MET A 150 -5.36 24.76 13.73
C MET A 150 -5.78 23.40 14.30
N THR A 151 -6.79 23.39 15.15
CA THR A 151 -7.18 22.13 15.84
C THR A 151 -7.93 21.19 14.88
N ARG A 152 -7.82 19.92 15.19
CA ARG A 152 -8.43 18.84 14.43
C ARG A 152 -9.95 18.98 14.55
N GLU A 153 -10.46 19.25 15.74
CA GLU A 153 -11.93 19.36 15.92
C GLU A 153 -12.45 20.65 15.29
N PHE A 154 -11.69 21.72 15.26
CA PHE A 154 -12.18 22.93 14.55
C PHE A 154 -12.30 22.62 13.06
N LEU A 155 -11.31 21.98 12.45
CA LEU A 155 -11.45 21.58 11.01
C LEU A 155 -12.68 20.67 10.80
N LYS A 156 -12.88 19.71 11.68
CA LYS A 156 -14.01 18.74 11.60
C LYS A 156 -15.34 19.52 11.70
N SER A 157 -15.36 20.67 12.36
CA SER A 157 -16.61 21.43 12.60
C SER A 157 -17.01 22.21 11.33
N LEU A 158 -16.14 22.34 10.33
CA LEU A 158 -16.44 23.12 9.10
C LEU A 158 -17.57 22.41 8.34
N ARG A 159 -18.40 23.15 7.61
CA ARG A 159 -19.59 22.49 7.00
C ARG A 159 -19.13 21.51 5.90
N LYS A 160 -19.95 20.49 5.63
CA LYS A 160 -19.81 19.55 4.49
C LYS A 160 -19.65 20.35 3.21
N PRO A 161 -18.75 19.98 2.27
CA PRO A 161 -17.90 18.79 2.38
C PRO A 161 -16.53 19.06 3.00
N PHE A 162 -16.30 20.25 3.55
CA PHE A 162 -14.96 20.69 4.03
C PHE A 162 -14.60 20.03 5.36
N GLY A 163 -15.57 19.74 6.21
CA GLY A 163 -15.36 19.20 7.58
C GLY A 163 -14.66 17.86 7.56
N ASP A 164 -14.81 17.08 6.51
CA ASP A 164 -14.23 15.72 6.47
C ASP A 164 -12.97 15.72 5.59
N PHE A 165 -12.51 16.87 5.12
CA PHE A 165 -11.36 16.96 4.20
C PHE A 165 -10.08 16.53 4.93
N MET A 166 -9.81 17.03 6.13
CA MET A 166 -8.51 16.73 6.78
C MET A 166 -8.59 15.46 7.63
N GLU A 167 -9.78 14.96 7.96
CA GLU A 167 -9.91 13.82 8.90
C GLU A 167 -9.07 12.62 8.49
N PRO A 168 -9.10 12.14 7.23
CA PRO A 168 -8.26 11.00 6.88
C PRO A 168 -6.76 11.30 7.00
N LYS A 169 -6.34 12.55 6.88
CA LYS A 169 -4.89 12.92 6.99
C LYS A 169 -4.47 12.78 8.47
N PHE A 170 -5.31 13.22 9.40
CA PHE A 170 -5.08 13.02 10.85
C PHE A 170 -5.04 11.54 11.18
N GLU A 171 -6.01 10.78 10.65
CA GLU A 171 -6.10 9.33 10.94
C GLU A 171 -4.79 8.65 10.53
N PHE A 172 -4.33 8.93 9.33
CA PHE A 172 -3.06 8.38 8.83
C PHE A 172 -1.93 8.84 9.76
N ALA A 173 -1.90 10.12 10.12
CA ALA A 173 -0.79 10.70 10.91
C ALA A 173 -0.69 10.04 12.29
N VAL A 174 -1.82 9.77 12.94
CA VAL A 174 -1.81 9.13 14.30
C VAL A 174 -1.02 7.84 14.23
N LYS A 175 -1.33 7.00 13.26
CA LYS A 175 -0.71 5.67 13.14
C LYS A 175 0.72 5.87 12.64
N PHE A 176 0.91 6.77 11.70
CA PHE A 176 2.27 6.97 11.08
C PHE A 176 3.25 7.52 12.09
N ASN A 177 2.84 8.53 12.86
CA ASN A 177 3.71 9.19 13.85
C ASN A 177 4.07 8.24 14.99
N ALA A 178 3.27 7.23 15.25
CA ALA A 178 3.61 6.22 16.27
C ALA A 178 4.88 5.43 15.89
N LEU A 179 5.26 5.40 14.61
CA LEU A 179 6.53 4.74 14.13
C LEU A 179 7.75 5.58 14.54
N GLU A 180 7.56 6.82 14.96
CA GLU A 180 8.65 7.72 15.43
C GLU A 180 9.78 7.84 14.38
N LEU A 181 9.39 8.02 13.11
CA LEU A 181 10.43 8.27 12.09
C LEU A 181 11.04 9.65 12.32
N ASP A 182 12.31 9.79 11.92
CA ASP A 182 12.93 11.13 11.91
C ASP A 182 13.24 11.56 10.46
N ASP A 183 13.71 12.79 10.30
CA ASP A 183 13.95 13.41 8.98
C ASP A 183 14.91 12.53 8.14
N SER A 184 15.91 11.91 8.75
CA SER A 184 16.81 11.01 8.00
C SER A 184 16.04 9.84 7.44
N ASP A 185 15.12 9.24 8.18
CA ASP A 185 14.28 8.15 7.67
C ASP A 185 13.36 8.68 6.56
N LEU A 186 12.68 9.81 6.79
CA LEU A 186 11.63 10.33 5.91
C LEU A 186 12.23 10.71 4.55
N ALA A 187 13.43 11.29 4.54
CA ALA A 187 14.12 11.69 3.29
C ALA A 187 14.13 10.48 2.35
N ILE A 188 14.51 9.33 2.86
CA ILE A 188 14.62 8.13 1.98
C ILE A 188 13.24 7.59 1.64
N PHE A 189 12.34 7.52 2.63
CA PHE A 189 10.98 7.06 2.41
C PHE A 189 10.33 7.85 1.29
N ILE A 190 10.44 9.17 1.31
CA ILE A 190 9.82 10.00 0.23
C ILE A 190 10.50 9.71 -1.11
N ALA A 191 11.82 9.52 -1.13
CA ALA A 191 12.47 9.19 -2.42
C ALA A 191 11.97 7.87 -2.97
N VAL A 192 11.78 6.86 -2.13
CA VAL A 192 11.22 5.55 -2.58
C VAL A 192 9.85 5.74 -3.18
N ILE A 193 8.99 6.55 -2.58
CA ILE A 193 7.62 6.80 -3.09
C ILE A 193 7.74 7.41 -4.51
N ILE A 194 8.57 8.42 -4.66
CA ILE A 194 8.66 9.16 -5.95
C ILE A 194 9.11 8.17 -7.05
N LEU A 195 10.05 7.27 -6.78
CA LEU A 195 10.61 6.35 -7.81
C LEU A 195 9.79 5.06 -7.86
N SER A 196 8.46 5.20 -8.00
CA SER A 196 7.50 4.08 -8.13
C SER A 196 7.34 3.76 -9.62
N GLY A 197 7.80 2.57 -10.02
CA GLY A 197 7.76 2.06 -11.40
C GLY A 197 6.41 1.57 -11.84
N ASP A 198 5.36 1.70 -11.02
CA ASP A 198 3.99 1.20 -11.33
C ASP A 198 3.03 2.39 -11.57
N ARG A 199 3.52 3.62 -11.67
CA ARG A 199 2.65 4.76 -12.04
C ARG A 199 2.13 4.50 -13.44
N PRO A 200 0.83 4.73 -13.67
CA PRO A 200 0.28 4.69 -15.02
C PRO A 200 0.99 5.60 -16.04
N GLY A 201 1.21 5.07 -17.26
CA GLY A 201 1.69 5.88 -18.41
C GLY A 201 3.18 6.12 -18.38
N LEU A 202 3.97 5.43 -17.57
CA LEU A 202 5.44 5.54 -17.66
C LEU A 202 5.90 4.87 -18.96
N LEU A 203 6.93 5.42 -19.62
CA LEU A 203 7.50 4.87 -20.88
C LEU A 203 8.64 3.88 -20.58
N ASN A 204 9.56 4.22 -19.66
CA ASN A 204 10.78 3.38 -19.46
C ASN A 204 10.84 2.98 -17.98
N VAL A 205 10.24 1.84 -17.64
CA VAL A 205 10.05 1.40 -16.23
C VAL A 205 11.37 0.92 -15.61
N LYS A 206 12.19 0.15 -16.32
CA LYS A 206 13.35 -0.53 -15.70
C LYS A 206 14.29 0.47 -15.04
N PRO A 207 14.66 1.60 -15.66
CA PRO A 207 15.58 2.56 -15.05
C PRO A 207 15.02 3.16 -13.73
N ILE A 208 13.70 3.26 -13.65
CA ILE A 208 13.00 3.77 -12.44
C ILE A 208 13.13 2.72 -11.32
N GLU A 209 12.82 1.48 -11.65
CA GLU A 209 12.95 0.34 -10.69
C GLU A 209 14.40 0.24 -10.21
N ASP A 210 15.37 0.45 -11.11
CA ASP A 210 16.82 0.35 -10.78
C ASP A 210 17.11 1.38 -9.68
N ILE A 211 16.64 2.60 -9.84
CA ILE A 211 16.89 3.66 -8.83
C ILE A 211 16.16 3.27 -7.55
N GLN A 212 14.92 2.84 -7.67
CA GLN A 212 14.11 2.45 -6.49
C GLN A 212 14.80 1.33 -5.69
N ASP A 213 15.34 0.32 -6.37
N ASP A 213 15.35 0.32 -6.37
CA ASP A 213 16.04 -0.80 -5.68
CA ASP A 213 16.03 -0.80 -5.68
C ASP A 213 17.17 -0.26 -4.79
C ASP A 213 17.17 -0.27 -4.79
N ASN A 214 17.97 0.67 -5.31
CA ASN A 214 19.07 1.30 -4.54
C ASN A 214 18.49 2.10 -3.35
N LEU A 215 17.40 2.83 -3.58
CA LEU A 215 16.76 3.60 -2.50
C LEU A 215 16.21 2.65 -1.43
N LEU A 216 15.57 1.54 -1.82
CA LEU A 216 15.07 0.52 -0.87
C LEU A 216 16.21 -0.05 -0.04
N GLN A 217 17.36 -0.33 -0.67
CA GLN A 217 18.51 -0.83 0.11
C GLN A 217 18.92 0.24 1.12
N ALA A 218 18.97 1.51 0.71
CA ALA A 218 19.41 2.61 1.59
C ALA A 218 18.41 2.75 2.76
N LEU A 219 17.11 2.66 2.46
CA LEU A 219 16.04 2.80 3.49
C LEU A 219 16.18 1.67 4.51
N GLU A 220 16.29 0.43 4.03
CA GLU A 220 16.42 -0.73 4.91
C GLU A 220 17.57 -0.52 5.88
N LEU A 221 18.77 -0.13 5.36
CA LEU A 221 19.94 0.10 6.21
C LEU A 221 19.67 1.23 7.20
N GLN A 222 19.10 2.34 6.74
CA GLN A 222 18.82 3.49 7.62
C GLN A 222 17.95 3.02 8.81
N LEU A 223 16.93 2.21 8.54
CA LEU A 223 15.98 1.83 9.59
C LEU A 223 16.63 0.86 10.57
N LYS A 224 17.48 -0.04 10.11
CA LYS A 224 18.22 -0.94 11.00
C LYS A 224 19.16 -0.13 11.89
N LEU A 225 19.87 0.81 11.30
CA LEU A 225 20.80 1.61 12.12
C LEU A 225 20.05 2.52 13.09
N ASN A 226 18.89 3.03 12.73
CA ASN A 226 18.28 4.15 13.49
C ASN A 226 17.17 3.64 14.44
N HIS A 227 16.73 2.38 14.32
CA HIS A 227 15.50 1.90 15.00
C HIS A 227 15.73 0.50 15.55
N PRO A 228 16.61 0.37 16.57
CA PRO A 228 16.93 -0.93 17.16
C PRO A 228 15.72 -1.64 17.77
N GLU A 229 14.68 -0.90 18.09
CA GLU A 229 13.50 -1.45 18.82
C GLU A 229 12.46 -2.03 17.89
N SER A 230 12.60 -1.81 16.58
CA SER A 230 11.56 -2.26 15.61
C SER A 230 12.20 -3.02 14.45
N SER A 231 12.37 -4.36 14.55
CA SER A 231 13.14 -5.15 13.54
C SER A 231 12.41 -5.19 12.20
N GLN A 232 11.08 -5.01 12.16
CA GLN A 232 10.34 -5.12 10.89
C GLN A 232 9.78 -3.75 10.51
N LEU A 233 10.47 -2.67 10.94
CA LEU A 233 10.00 -1.33 10.52
C LEU A 233 10.01 -1.14 9.00
N PHE A 234 11.00 -1.68 8.29
CA PHE A 234 11.10 -1.60 6.83
C PHE A 234 9.79 -2.10 6.22
N ALA A 235 9.38 -3.30 6.60
CA ALA A 235 8.11 -3.89 6.12
C ALA A 235 6.93 -3.01 6.51
N LYS A 236 6.91 -2.49 7.73
CA LYS A 236 5.84 -1.57 8.19
C LYS A 236 5.79 -0.34 7.29
N LEU A 237 6.92 0.22 6.89
CA LEU A 237 6.89 1.43 6.02
C LEU A 237 6.42 1.07 4.61
N LEU A 238 6.74 -0.11 4.06
CA LEU A 238 6.24 -0.52 2.72
C LEU A 238 4.71 -0.66 2.82
N GLN A 239 4.25 -1.15 3.97
CA GLN A 239 2.79 -1.29 4.26
C GLN A 239 2.16 0.11 4.24
N LYS A 240 2.81 1.11 4.83
CA LYS A 240 2.26 2.48 4.77
C LYS A 240 2.23 3.00 3.34
N MET A 241 3.24 2.68 2.51
CA MET A 241 3.30 3.20 1.12
C MET A 241 2.10 2.63 0.37
N THR A 242 1.77 1.35 0.65
CA THR A 242 0.56 0.68 0.11
C THR A 242 -0.70 1.41 0.59
N ASP A 243 -0.80 1.68 1.88
CA ASP A 243 -2.01 2.37 2.42
C ASP A 243 -2.15 3.72 1.73
N LEU A 244 -1.07 4.47 1.55
CA LEU A 244 -1.17 5.86 0.99
C LEU A 244 -1.83 5.79 -0.39
N ARG A 245 -1.69 4.68 -1.13
CA ARG A 245 -2.23 4.57 -2.51
C ARG A 245 -3.77 4.69 -2.48
N GLN A 246 -4.44 3.86 -1.68
CA GLN A 246 -5.93 3.88 -1.55
C GLN A 246 -6.36 5.19 -0.89
N ILE A 247 -5.60 5.70 0.05
CA ILE A 247 -5.93 7.00 0.75
C ILE A 247 -5.92 8.19 -0.24
N VAL A 248 -4.93 8.29 -1.12
CA VAL A 248 -4.87 9.37 -2.13
C VAL A 248 -6.05 9.19 -3.09
N THR A 249 -6.44 7.95 -3.38
CA THR A 249 -7.60 7.61 -4.22
C THR A 249 -8.82 8.37 -3.67
N GLU A 250 -9.09 8.20 -2.37
CA GLU A 250 -10.21 8.84 -1.64
C GLU A 250 -10.02 10.37 -1.62
N HIS A 251 -8.80 10.86 -1.46
CA HIS A 251 -8.53 12.33 -1.47
C HIS A 251 -8.92 12.91 -2.84
N VAL A 252 -8.52 12.27 -3.94
CA VAL A 252 -8.82 12.84 -5.28
C VAL A 252 -10.32 12.71 -5.55
N GLN A 253 -11.02 11.70 -5.01
CA GLN A 253 -12.51 11.56 -5.17
C GLN A 253 -13.21 12.76 -4.52
N LEU A 254 -12.73 13.16 -3.33
CA LEU A 254 -13.32 14.27 -2.54
C LEU A 254 -12.97 15.60 -3.22
N LEU A 255 -11.78 15.72 -3.83
CA LEU A 255 -11.38 16.95 -4.55
C LEU A 255 -12.31 17.19 -5.75
N GLN A 256 -12.77 16.11 -6.38
CA GLN A 256 -13.65 16.20 -7.57
C GLN A 256 -15.04 16.66 -7.11
N VAL A 257 -15.55 16.10 -6.01
CA VAL A 257 -16.85 16.53 -5.39
C VAL A 257 -16.81 18.04 -5.18
N ILE A 258 -15.76 18.53 -4.53
CA ILE A 258 -15.57 19.98 -4.23
C ILE A 258 -15.50 20.79 -5.54
N LYS A 259 -14.63 20.41 -6.48
CA LYS A 259 -14.46 21.09 -7.79
C LYS A 259 -15.83 21.34 -8.45
N LYS A 260 -16.77 20.40 -8.41
CA LYS A 260 -18.02 20.51 -9.21
C LYS A 260 -19.25 20.81 -8.34
N THR A 261 -19.10 21.00 -7.02
CA THR A 261 -20.24 21.26 -6.09
C THR A 261 -20.06 22.58 -5.34
N GLU A 262 -18.88 23.17 -5.42
CA GLU A 262 -18.53 24.45 -4.73
C GLU A 262 -18.00 25.38 -5.80
N THR A 263 -17.94 26.67 -5.50
CA THR A 263 -17.34 27.69 -6.39
C THR A 263 -15.81 27.56 -6.31
N HIS A 268 -4.20 30.10 -7.64
CA HIS A 268 -2.80 30.44 -7.27
C HIS A 268 -2.22 31.38 -8.32
N PRO A 269 -1.53 32.47 -7.93
CA PRO A 269 -0.98 33.42 -8.89
C PRO A 269 0.01 32.81 -9.91
N LEU A 270 0.76 31.77 -9.52
CA LEU A 270 1.71 31.02 -10.40
C LEU A 270 0.92 30.34 -11.53
N LEU A 271 -0.24 29.76 -11.22
CA LEU A 271 -1.18 29.21 -12.23
C LEU A 271 -1.74 30.34 -13.11
N GLN A 272 -1.66 31.59 -12.65
CA GLN A 272 -2.02 32.82 -13.41
C GLN A 272 -3.54 33.06 -13.27
N GLN B 5 25.97 -20.89 9.63
CA GLN B 5 25.27 -21.69 10.67
C GLN B 5 24.25 -20.82 11.42
N LEU B 6 22.96 -21.07 11.24
CA LEU B 6 21.86 -20.26 11.81
C LEU B 6 21.84 -20.42 13.32
N ASN B 7 21.65 -19.31 14.05
CA ASN B 7 21.55 -19.32 15.53
C ASN B 7 20.16 -19.81 15.94
N PRO B 8 19.82 -19.88 17.25
CA PRO B 8 18.50 -20.38 17.67
C PRO B 8 17.34 -19.52 17.16
N GLU B 9 17.50 -18.18 17.13
CA GLU B 9 16.48 -17.26 16.55
C GLU B 9 16.17 -17.68 15.11
N SER B 10 17.19 -17.78 14.26
CA SER B 10 17.02 -18.18 12.83
C SER B 10 16.48 -19.60 12.70
N ALA B 11 17.01 -20.55 13.48
CA ALA B 11 16.53 -21.94 13.41
C ALA B 11 15.02 -21.99 13.73
N ASP B 12 14.53 -21.18 14.66
CA ASP B 12 13.08 -21.17 15.01
C ASP B 12 12.30 -20.58 13.83
N LEU B 13 12.83 -19.58 13.17
CA LEU B 13 12.19 -18.97 11.96
C LEU B 13 12.11 -20.03 10.85
N ARG B 14 13.10 -20.94 10.71
CA ARG B 14 13.02 -22.03 9.71
C ARG B 14 11.96 -23.06 10.12
N ALA B 15 11.89 -23.41 11.42
CA ALA B 15 10.88 -24.35 11.91
C ALA B 15 9.48 -23.74 11.69
N LEU B 16 9.31 -22.43 11.88
CA LEU B 16 7.99 -21.80 11.60
C LEU B 16 7.68 -21.89 10.10
N ALA B 17 8.65 -21.59 9.24
CA ALA B 17 8.46 -21.65 7.75
C ALA B 17 8.04 -23.07 7.35
N LYS B 18 8.72 -24.09 7.89
CA LYS B 18 8.42 -25.50 7.56
C LYS B 18 7.03 -25.93 8.09
N HIS B 19 6.65 -25.50 9.30
CA HIS B 19 5.33 -25.76 9.89
C HIS B 19 4.25 -25.23 8.93
N LEU B 20 4.43 -23.99 8.49
CA LEU B 20 3.45 -23.36 7.57
C LEU B 20 3.44 -24.07 6.22
N TYR B 21 4.59 -24.41 5.66
CA TYR B 21 4.65 -25.15 4.38
C TYR B 21 3.86 -26.47 4.53
N ASP B 22 4.16 -27.24 5.56
CA ASP B 22 3.48 -28.53 5.76
C ASP B 22 1.96 -28.33 5.83
N SER B 23 1.51 -27.28 6.51
CA SER B 23 0.08 -27.01 6.71
C SER B 23 -0.55 -26.56 5.39
N TYR B 24 0.20 -25.77 4.62
CA TYR B 24 -0.21 -25.22 3.32
C TYR B 24 -0.42 -26.39 2.33
N ILE B 25 0.49 -27.36 2.28
CA ILE B 25 0.37 -28.59 1.43
C ILE B 25 -0.92 -29.32 1.75
N LYS B 26 -1.23 -29.46 3.04
CA LYS B 26 -2.39 -30.20 3.58
C LYS B 26 -3.69 -29.48 3.25
N SER B 27 -3.74 -28.15 3.37
CA SER B 27 -5.00 -27.39 3.22
C SER B 27 -5.33 -27.14 1.75
N PHE B 28 -4.30 -27.03 0.89
CA PHE B 28 -4.45 -26.65 -0.55
C PHE B 28 -3.81 -27.74 -1.42
N PRO B 29 -4.57 -28.78 -1.79
CA PRO B 29 -4.00 -29.93 -2.49
C PRO B 29 -3.31 -29.61 -3.84
N LEU B 30 -3.90 -28.75 -4.68
CA LEU B 30 -3.23 -28.35 -5.95
C LEU B 30 -2.24 -27.22 -5.67
N THR B 31 -0.96 -27.55 -5.49
CA THR B 31 0.12 -26.61 -5.18
C THR B 31 0.57 -25.88 -6.44
N LYS B 32 1.34 -24.82 -6.28
CA LYS B 32 1.93 -24.16 -7.44
C LYS B 32 2.85 -25.18 -8.15
N ALA B 33 3.59 -26.02 -7.43
CA ALA B 33 4.51 -26.98 -8.09
C ALA B 33 3.69 -27.86 -9.04
N LYS B 34 2.58 -28.42 -8.57
CA LYS B 34 1.74 -29.36 -9.38
C LYS B 34 1.08 -28.58 -10.51
N ALA B 35 0.66 -27.34 -10.24
CA ALA B 35 -0.01 -26.52 -11.27
C ALA B 35 0.98 -26.22 -12.39
N ARG B 36 2.21 -25.87 -12.04
CA ARG B 36 3.24 -25.44 -13.01
C ARG B 36 3.56 -26.63 -13.91
N ALA B 37 3.62 -27.82 -13.33
CA ALA B 37 4.00 -29.05 -14.06
C ALA B 37 2.91 -29.30 -15.09
N ILE B 38 1.63 -29.19 -14.70
CA ILE B 38 0.48 -29.38 -15.62
C ILE B 38 0.57 -28.33 -16.73
N LEU B 39 0.83 -27.07 -16.39
CA LEU B 39 0.79 -25.96 -17.37
C LEU B 39 1.96 -26.05 -18.34
N THR B 40 3.07 -26.70 -17.98
CA THR B 40 4.25 -26.91 -18.86
C THR B 40 4.29 -28.33 -19.44
N GLY B 41 3.16 -29.05 -19.47
CA GLY B 41 3.08 -30.43 -19.97
C GLY B 41 3.67 -31.42 -18.97
N LYS B 42 4.95 -31.25 -18.63
CA LYS B 42 5.65 -32.00 -17.55
C LYS B 42 4.62 -32.75 -16.70
N SER B 47 -3.20 -34.43 -18.63
CA SER B 47 -3.11 -33.22 -19.48
C SER B 47 -4.48 -32.56 -19.66
N PRO B 48 -4.63 -31.25 -19.36
CA PRO B 48 -5.96 -30.68 -19.15
C PRO B 48 -6.79 -30.53 -20.44
N PHE B 49 -8.10 -30.69 -20.30
CA PHE B 49 -9.06 -30.32 -21.37
C PHE B 49 -9.08 -28.79 -21.52
N VAL B 50 -8.85 -28.26 -22.73
CA VAL B 50 -8.83 -26.80 -23.01
C VAL B 50 -10.22 -26.29 -23.42
N ILE B 51 -10.72 -25.32 -22.68
CA ILE B 51 -12.02 -24.68 -22.98
C ILE B 51 -11.70 -23.33 -23.56
N TYR B 52 -11.91 -23.19 -24.86
CA TYR B 52 -11.53 -21.99 -25.65
C TYR B 52 -12.76 -21.40 -26.33
N ASP B 53 -13.94 -22.03 -26.22
CA ASP B 53 -15.20 -21.49 -26.81
C ASP B 53 -16.41 -22.25 -26.27
N MET B 54 -17.60 -21.91 -26.74
CA MET B 54 -18.87 -22.53 -26.27
C MET B 54 -18.88 -24.03 -26.61
N ASN B 55 -18.38 -24.41 -27.79
CA ASN B 55 -18.29 -25.83 -28.22
C ASN B 55 -17.48 -26.60 -27.17
N SER B 56 -16.24 -26.19 -26.94
CA SER B 56 -15.31 -26.90 -26.01
C SER B 56 -15.87 -26.84 -24.59
N LEU B 57 -16.55 -25.77 -24.20
CA LEU B 57 -17.23 -25.67 -22.88
C LEU B 57 -18.28 -26.78 -22.81
N MET B 58 -19.18 -26.87 -23.81
CA MET B 58 -20.21 -27.96 -23.88
C MET B 58 -19.51 -29.31 -23.71
N MET B 59 -18.42 -29.54 -24.46
CA MET B 59 -17.69 -30.84 -24.48
C MET B 59 -16.90 -31.04 -23.17
N GLY B 60 -16.39 -29.94 -22.58
CA GLY B 60 -15.64 -29.96 -21.31
C GLY B 60 -16.39 -30.64 -20.19
N GLU B 61 -17.72 -30.41 -20.12
CA GLU B 61 -18.59 -31.04 -19.08
C GLU B 61 -19.07 -32.41 -19.60
N ASP B 62 -18.24 -33.08 -20.41
CA ASP B 62 -18.58 -34.37 -21.07
C ASP B 62 -17.30 -35.20 -21.19
N LYS B 77 -28.91 -21.27 -16.37
CA LYS B 77 -29.18 -21.65 -17.79
C LYS B 77 -28.13 -20.98 -18.70
N GLU B 78 -28.19 -19.65 -18.86
CA GLU B 78 -27.22 -18.81 -19.61
C GLU B 78 -25.79 -19.09 -19.13
N VAL B 79 -24.84 -19.29 -20.04
CA VAL B 79 -23.50 -19.86 -19.72
C VAL B 79 -22.73 -18.90 -18.82
N ALA B 80 -22.73 -17.59 -19.09
CA ALA B 80 -21.99 -16.61 -18.26
C ALA B 80 -22.44 -16.79 -16.80
N ILE B 81 -23.73 -17.03 -16.57
CA ILE B 81 -24.29 -17.20 -15.21
C ILE B 81 -23.88 -18.56 -14.64
N ARG B 82 -23.83 -19.61 -15.45
CA ARG B 82 -23.43 -20.95 -14.95
C ARG B 82 -21.96 -20.92 -14.55
N ILE B 83 -21.09 -20.35 -15.41
CA ILE B 83 -19.65 -20.14 -15.09
C ILE B 83 -19.55 -19.32 -13.80
N PHE B 84 -20.32 -18.25 -13.66
CA PHE B 84 -20.25 -17.37 -12.47
C PHE B 84 -20.67 -18.16 -11.22
N GLN B 85 -21.70 -19.00 -11.32
CA GLN B 85 -22.14 -19.78 -10.13
C GLN B 85 -21.01 -20.76 -9.71
N GLY B 86 -20.35 -21.39 -10.67
CA GLY B 86 -19.25 -22.35 -10.45
C GLY B 86 -18.05 -21.61 -9.84
N CYS B 87 -17.77 -20.42 -10.35
CA CYS B 87 -16.74 -19.52 -9.75
C CYS B 87 -17.12 -19.26 -8.29
N GLN B 88 -18.40 -18.93 -8.04
CA GLN B 88 -18.90 -18.67 -6.67
C GLN B 88 -18.69 -19.91 -5.77
N PHE B 89 -19.06 -21.11 -6.25
CA PHE B 89 -18.99 -22.35 -5.44
C PHE B 89 -17.51 -22.63 -5.12
N ARG B 90 -16.61 -22.40 -6.07
CA ARG B 90 -15.17 -22.66 -5.83
C ARG B 90 -14.65 -21.69 -4.76
N SER B 91 -15.14 -20.45 -4.74
N SER B 91 -15.16 -20.44 -4.74
CA SER B 91 -14.72 -19.41 -3.75
CA SER B 91 -14.76 -19.38 -3.77
C SER B 91 -15.15 -19.83 -2.35
C SER B 91 -15.17 -19.81 -2.35
N VAL B 92 -16.34 -20.43 -2.19
CA VAL B 92 -16.79 -20.93 -0.85
C VAL B 92 -15.80 -22.02 -0.40
N GLU B 93 -15.49 -22.97 -1.29
CA GLU B 93 -14.49 -24.01 -1.00
C GLU B 93 -13.18 -23.33 -0.58
N ALA B 94 -12.72 -22.32 -1.31
CA ALA B 94 -11.43 -21.65 -1.01
C ALA B 94 -11.50 -21.01 0.38
N VAL B 95 -12.59 -20.33 0.74
CA VAL B 95 -12.72 -19.68 2.08
C VAL B 95 -12.56 -20.78 3.15
N GLN B 96 -13.18 -21.94 2.96
CA GLN B 96 -13.05 -23.05 3.96
C GLN B 96 -11.62 -23.55 4.08
N GLU B 97 -10.90 -23.75 2.97
CA GLU B 97 -9.49 -24.17 2.93
C GLU B 97 -8.63 -23.10 3.62
N ILE B 98 -8.89 -21.83 3.32
CA ILE B 98 -8.08 -20.73 3.92
C ILE B 98 -8.32 -20.69 5.42
N THR B 99 -9.56 -20.88 5.86
CA THR B 99 -9.89 -20.88 7.30
C THR B 99 -9.13 -22.03 8.00
N GLU B 100 -9.12 -23.24 7.40
CA GLU B 100 -8.40 -24.39 7.96
C GLU B 100 -6.93 -24.03 8.06
N TYR B 101 -6.41 -23.40 7.01
CA TYR B 101 -4.98 -23.05 7.01
C TYR B 101 -4.69 -22.05 8.14
N ALA B 102 -5.58 -21.08 8.33
CA ALA B 102 -5.39 -20.03 9.33
C ALA B 102 -5.26 -20.68 10.70
N LYS B 103 -6.11 -21.66 11.01
CA LYS B 103 -6.05 -22.33 12.33
C LYS B 103 -4.67 -22.90 12.62
N SER B 104 -3.84 -23.18 11.62
CA SER B 104 -2.49 -23.78 11.79
C SER B 104 -1.43 -22.71 12.09
N ILE B 105 -1.74 -21.44 11.92
CA ILE B 105 -0.72 -20.36 12.11
C ILE B 105 -0.56 -20.17 13.61
N PRO B 106 0.64 -20.39 14.16
CA PRO B 106 0.87 -20.24 15.59
C PRO B 106 0.29 -18.92 16.15
N GLY B 107 -0.57 -19.03 17.16
CA GLY B 107 -1.21 -17.88 17.82
C GLY B 107 -2.55 -17.45 17.26
N PHE B 108 -2.92 -17.85 16.06
CA PHE B 108 -4.16 -17.40 15.43
C PHE B 108 -5.36 -17.83 16.28
N VAL B 109 -5.44 -19.10 16.68
CA VAL B 109 -6.68 -19.57 17.39
C VAL B 109 -6.67 -19.05 18.84
N ASN B 110 -5.62 -18.40 19.30
CA ASN B 110 -5.61 -17.83 20.68
C ASN B 110 -6.11 -16.38 20.65
N LEU B 111 -6.34 -15.80 19.46
CA LEU B 111 -6.91 -14.43 19.34
C LEU B 111 -8.38 -14.48 19.73
N ASP B 112 -8.94 -13.30 20.02
CA ASP B 112 -10.41 -13.17 20.14
C ASP B 112 -11.08 -13.77 18.89
N LEU B 113 -12.07 -14.65 19.08
CA LEU B 113 -12.82 -15.25 17.95
C LEU B 113 -13.33 -14.20 16.97
N ASN B 114 -13.87 -13.07 17.44
CA ASN B 114 -14.45 -12.06 16.54
C ASN B 114 -13.32 -11.51 15.65
N ASP B 115 -12.13 -11.34 16.21
CA ASP B 115 -10.94 -10.89 15.43
C ASP B 115 -10.53 -12.00 14.44
N GLN B 116 -10.52 -13.26 14.83
CA GLN B 116 -10.28 -14.35 13.84
C GLN B 116 -11.23 -14.18 12.65
N VAL B 117 -12.50 -13.96 12.93
CA VAL B 117 -13.52 -13.86 11.87
C VAL B 117 -13.22 -12.63 11.00
N THR B 118 -12.95 -11.50 11.64
CA THR B 118 -12.67 -10.21 10.97
C THR B 118 -11.44 -10.38 10.07
N LEU B 119 -10.42 -11.05 10.59
CA LEU B 119 -9.18 -11.18 9.77
C LEU B 119 -9.50 -12.00 8.52
N LEU B 120 -10.25 -13.09 8.66
CA LEU B 120 -10.53 -13.94 7.48
C LEU B 120 -11.50 -13.19 6.58
N LYS B 121 -12.53 -12.54 7.14
CA LYS B 121 -13.53 -11.80 6.35
C LYS B 121 -12.83 -10.86 5.37
N TYR B 122 -11.89 -10.06 5.87
CA TYR B 122 -11.24 -9.01 5.07
C TYR B 122 -9.97 -9.53 4.40
N GLY B 123 -9.53 -10.77 4.67
CA GLY B 123 -8.30 -11.33 4.08
C GLY B 123 -8.57 -12.30 2.94
N VAL B 124 -9.69 -13.00 2.92
CA VAL B 124 -9.84 -14.14 1.97
C VAL B 124 -9.70 -13.72 0.50
N HIS B 125 -10.20 -12.55 0.04
CA HIS B 125 -10.11 -12.18 -1.39
C HIS B 125 -8.63 -11.96 -1.70
N GLU B 126 -7.90 -11.27 -0.82
CA GLU B 126 -6.45 -11.08 -1.08
C GLU B 126 -5.77 -12.46 -1.27
N ILE B 127 -6.08 -13.40 -0.41
CA ILE B 127 -5.43 -14.72 -0.43
C ILE B 127 -5.91 -15.50 -1.65
N ILE B 128 -7.19 -15.46 -1.92
CA ILE B 128 -7.72 -16.18 -3.12
C ILE B 128 -6.95 -15.68 -4.35
N TYR B 129 -6.79 -14.38 -4.56
CA TYR B 129 -6.19 -13.89 -5.84
C TYR B 129 -4.68 -14.07 -5.82
N THR B 130 -4.00 -14.12 -4.68
CA THR B 130 -2.60 -14.53 -4.63
C THR B 130 -2.52 -15.99 -5.10
N MET B 131 -3.34 -16.84 -4.52
CA MET B 131 -3.26 -18.30 -4.75
C MET B 131 -3.73 -18.61 -6.19
N LEU B 132 -4.73 -17.90 -6.72
CA LEU B 132 -5.19 -18.14 -8.11
C LEU B 132 -4.07 -17.85 -9.11
N ALA B 133 -3.14 -16.94 -8.82
CA ALA B 133 -2.01 -16.71 -9.72
C ALA B 133 -1.23 -18.01 -9.97
N SER B 134 -1.09 -18.88 -8.96
CA SER B 134 -0.36 -20.17 -9.09
C SER B 134 -0.96 -21.02 -10.21
N LEU B 135 -2.27 -20.88 -10.44
CA LEU B 135 -3.04 -21.66 -11.45
C LEU B 135 -3.13 -20.93 -12.80
N MET B 136 -2.53 -19.77 -12.97
CA MET B 136 -2.71 -18.89 -14.15
C MET B 136 -1.39 -18.77 -14.92
N ASN B 137 -1.48 -18.64 -16.24
CA ASN B 137 -0.44 -17.99 -17.09
C ASN B 137 -1.15 -16.95 -17.93
N LYS B 138 -0.42 -16.32 -18.84
CA LYS B 138 -0.92 -15.13 -19.54
C LYS B 138 -2.09 -15.54 -20.44
N ASP B 139 -2.23 -16.85 -20.72
CA ASP B 139 -3.22 -17.36 -21.70
C ASP B 139 -4.44 -18.00 -21.04
N GLY B 140 -4.45 -18.30 -19.72
CA GLY B 140 -5.61 -18.93 -19.11
C GLY B 140 -5.36 -19.51 -17.72
N VAL B 141 -6.33 -20.24 -17.20
CA VAL B 141 -6.38 -20.62 -15.76
C VAL B 141 -6.78 -22.10 -15.67
N LEU B 142 -6.11 -22.86 -14.81
CA LEU B 142 -6.48 -24.26 -14.50
C LEU B 142 -7.75 -24.28 -13.68
N ILE B 143 -8.67 -25.18 -14.02
CA ILE B 143 -9.94 -25.33 -13.29
C ILE B 143 -10.11 -26.82 -13.00
N SER B 144 -11.07 -27.12 -12.13
CA SER B 144 -11.50 -28.48 -11.73
C SER B 144 -10.27 -29.31 -11.33
N GLU B 145 -9.51 -28.80 -10.35
CA GLU B 145 -8.33 -29.48 -9.75
C GLU B 145 -7.32 -29.81 -10.85
N GLY B 146 -7.19 -28.96 -11.88
CA GLY B 146 -6.13 -29.06 -12.90
C GLY B 146 -6.55 -29.89 -14.09
N GLN B 147 -7.80 -30.33 -14.13
CA GLN B 147 -8.34 -31.23 -15.20
C GLN B 147 -8.78 -30.41 -16.42
N GLY B 148 -9.04 -29.12 -16.23
CA GLY B 148 -9.47 -28.20 -17.30
C GLY B 148 -8.54 -27.02 -17.37
N PHE B 149 -8.46 -26.41 -18.55
CA PHE B 149 -7.77 -25.12 -18.74
C PHE B 149 -8.72 -24.19 -19.46
N MET B 150 -9.08 -23.09 -18.82
CA MET B 150 -10.03 -22.14 -19.43
C MET B 150 -9.21 -20.96 -19.94
N THR B 151 -9.35 -20.63 -21.21
CA THR B 151 -8.52 -19.57 -21.82
C THR B 151 -9.04 -18.23 -21.35
N ARG B 152 -8.06 -17.37 -21.16
CA ARG B 152 -8.25 -15.94 -20.81
C ARG B 152 -9.16 -15.28 -21.87
N GLU B 153 -8.96 -15.63 -23.14
CA GLU B 153 -9.74 -15.08 -24.27
C GLU B 153 -11.18 -15.57 -24.18
N PHE B 154 -11.40 -16.85 -23.90
CA PHE B 154 -12.78 -17.35 -23.68
C PHE B 154 -13.47 -16.54 -22.58
N LEU B 155 -12.78 -16.32 -21.46
CA LEU B 155 -13.41 -15.60 -20.32
C LEU B 155 -13.75 -14.17 -20.76
N LYS B 156 -12.87 -13.50 -21.50
CA LYS B 156 -13.11 -12.11 -21.97
C LYS B 156 -14.31 -12.04 -22.92
N SER B 157 -14.68 -13.16 -23.56
CA SER B 157 -15.73 -13.24 -24.61
C SER B 157 -17.11 -13.31 -23.95
N LEU B 158 -17.19 -13.54 -22.65
CA LEU B 158 -18.48 -13.70 -21.96
C LEU B 158 -19.17 -12.34 -21.97
N ARG B 159 -20.49 -12.31 -22.00
CA ARG B 159 -21.19 -11.00 -22.13
C ARG B 159 -20.83 -10.13 -20.92
N LYS B 160 -20.83 -8.81 -21.10
CA LYS B 160 -20.63 -7.85 -19.99
C LYS B 160 -21.75 -8.03 -18.97
N PRO B 161 -21.49 -7.90 -17.64
CA PRO B 161 -20.18 -7.56 -17.08
C PRO B 161 -19.26 -8.75 -16.76
N PHE B 162 -19.65 -9.97 -17.13
CA PHE B 162 -18.92 -11.22 -16.75
C PHE B 162 -17.60 -11.31 -17.54
N GLY B 163 -17.54 -10.75 -18.75
CA GLY B 163 -16.32 -10.73 -19.58
C GLY B 163 -15.14 -10.00 -18.94
N ASP B 164 -15.38 -9.05 -18.05
CA ASP B 164 -14.28 -8.27 -17.42
C ASP B 164 -14.06 -8.75 -15.98
N PHE B 165 -14.72 -9.82 -15.55
CA PHE B 165 -14.69 -10.25 -14.14
C PHE B 165 -13.28 -10.78 -13.74
N MET B 166 -12.69 -11.68 -14.53
CA MET B 166 -11.38 -12.30 -14.24
C MET B 166 -10.23 -11.50 -14.84
N GLU B 167 -10.43 -10.67 -15.86
CA GLU B 167 -9.31 -10.05 -16.60
C GLU B 167 -8.35 -9.34 -15.65
N PRO B 168 -8.76 -8.48 -14.68
CA PRO B 168 -7.80 -7.85 -13.77
C PRO B 168 -6.97 -8.84 -12.94
N LYS B 169 -7.50 -10.04 -12.69
CA LYS B 169 -6.78 -11.08 -11.91
C LYS B 169 -5.66 -11.65 -12.77
N PHE B 170 -5.89 -11.82 -14.07
CA PHE B 170 -4.83 -12.24 -15.01
C PHE B 170 -3.75 -11.17 -15.05
N GLU B 171 -4.15 -9.90 -15.17
CA GLU B 171 -3.15 -8.80 -15.27
C GLU B 171 -2.27 -8.83 -14.00
N PHE B 172 -2.88 -8.97 -12.83
CA PHE B 172 -2.17 -9.09 -11.54
C PHE B 172 -1.28 -10.34 -11.54
N ALA B 173 -1.86 -11.48 -11.93
CA ALA B 173 -1.13 -12.77 -11.89
C ALA B 173 0.13 -12.72 -12.77
N VAL B 174 0.09 -12.12 -13.95
CA VAL B 174 1.30 -12.08 -14.81
C VAL B 174 2.40 -11.31 -14.06
N LYS B 175 2.11 -10.22 -13.35
CA LYS B 175 3.17 -9.44 -12.65
C LYS B 175 3.62 -10.23 -11.41
N PHE B 176 2.68 -10.82 -10.67
CA PHE B 176 3.01 -11.54 -9.43
C PHE B 176 3.87 -12.77 -9.75
N ASN B 177 3.53 -13.50 -10.81
CA ASN B 177 4.25 -14.74 -11.19
C ASN B 177 5.68 -14.42 -11.66
N ALA B 178 5.95 -13.20 -12.11
CA ALA B 178 7.31 -12.74 -12.49
C ALA B 178 8.24 -12.76 -11.27
N LEU B 179 7.73 -12.74 -10.04
CA LEU B 179 8.57 -12.88 -8.82
C LEU B 179 9.07 -14.33 -8.65
N GLU B 180 8.47 -15.33 -9.30
CA GLU B 180 8.95 -16.75 -9.29
C GLU B 180 8.93 -17.29 -7.86
N LEU B 181 7.92 -16.95 -7.07
CA LEU B 181 7.80 -17.51 -5.71
C LEU B 181 7.44 -18.99 -5.81
N ASP B 182 7.84 -19.76 -4.79
CA ASP B 182 7.38 -21.15 -4.69
C ASP B 182 6.43 -21.34 -3.51
N ASP B 183 5.91 -22.57 -3.35
CA ASP B 183 4.91 -22.90 -2.32
C ASP B 183 5.45 -22.54 -0.92
N SER B 184 6.75 -22.76 -0.67
N SER B 184 6.74 -22.81 -0.67
CA SER B 184 7.39 -22.49 0.65
CA SER B 184 7.42 -22.50 0.61
C SER B 184 7.48 -20.97 0.91
C SER B 184 7.33 -20.99 0.88
N ASP B 185 7.54 -20.15 -0.14
CA ASP B 185 7.47 -18.68 -0.01
C ASP B 185 6.01 -18.29 0.22
N LEU B 186 5.11 -18.87 -0.58
CA LEU B 186 3.70 -18.45 -0.59
C LEU B 186 3.08 -18.78 0.79
N ALA B 187 3.44 -19.93 1.41
CA ALA B 187 2.83 -20.36 2.67
C ALA B 187 3.03 -19.24 3.70
N ILE B 188 4.22 -18.66 3.73
CA ILE B 188 4.49 -17.59 4.74
C ILE B 188 3.77 -16.30 4.31
N PHE B 189 3.84 -15.94 3.06
CA PHE B 189 3.20 -14.70 2.53
C PHE B 189 1.69 -14.70 2.82
N ILE B 190 1.01 -15.79 2.57
CA ILE B 190 -0.44 -15.88 2.86
C ILE B 190 -0.63 -15.73 4.36
N ALA B 191 0.26 -16.29 5.19
CA ALA B 191 0.09 -16.11 6.66
C ALA B 191 0.25 -14.63 7.05
N VAL B 192 1.17 -13.90 6.44
CA VAL B 192 1.33 -12.46 6.69
C VAL B 192 0.04 -11.77 6.32
N ILE B 193 -0.54 -12.05 5.14
CA ILE B 193 -1.79 -11.40 4.72
C ILE B 193 -2.87 -11.66 5.80
N ILE B 194 -3.04 -12.88 6.26
CA ILE B 194 -4.11 -13.16 7.27
C ILE B 194 -3.93 -12.26 8.51
N LEU B 195 -2.71 -12.11 9.01
CA LEU B 195 -2.44 -11.41 10.29
C LEU B 195 -2.26 -9.90 9.99
N SER B 196 -3.19 -9.27 9.32
CA SER B 196 -3.16 -7.81 8.97
C SER B 196 -3.89 -7.04 10.07
N GLY B 197 -3.16 -6.26 10.86
CA GLY B 197 -3.68 -5.46 11.99
C GLY B 197 -4.50 -4.27 11.56
N ASP B 198 -4.60 -3.93 10.27
CA ASP B 198 -5.32 -2.72 9.81
C ASP B 198 -6.74 -3.06 9.34
N ARG B 199 -7.25 -4.29 9.51
CA ARG B 199 -8.61 -4.63 9.03
C ARG B 199 -9.63 -3.83 9.84
N PRO B 200 -10.70 -3.32 9.21
CA PRO B 200 -11.69 -2.50 9.92
C PRO B 200 -12.33 -3.28 11.09
N GLY B 201 -12.39 -2.65 12.25
CA GLY B 201 -13.20 -3.12 13.39
C GLY B 201 -12.49 -4.13 14.27
N LEU B 202 -11.21 -4.43 14.04
CA LEU B 202 -10.48 -5.34 14.91
C LEU B 202 -10.49 -4.79 16.34
N LEU B 203 -10.60 -5.67 17.33
CA LEU B 203 -10.70 -5.28 18.74
C LEU B 203 -9.31 -5.19 19.38
N ASN B 204 -8.40 -6.12 19.10
CA ASN B 204 -7.08 -6.18 19.77
C ASN B 204 -5.99 -6.26 18.69
N VAL B 205 -5.55 -5.09 18.23
CA VAL B 205 -4.60 -4.98 17.08
C VAL B 205 -3.20 -5.44 17.50
N LYS B 206 -2.68 -5.16 18.70
CA LYS B 206 -1.27 -5.48 19.05
C LYS B 206 -0.99 -6.99 18.94
N PRO B 207 -1.80 -7.90 19.51
CA PRO B 207 -1.48 -9.33 19.44
C PRO B 207 -1.40 -9.82 17.99
N ILE B 208 -2.18 -9.22 17.10
CA ILE B 208 -2.17 -9.56 15.65
C ILE B 208 -0.85 -9.07 15.04
N GLU B 209 -0.50 -7.82 15.30
CA GLU B 209 0.75 -7.23 14.74
C GLU B 209 1.97 -8.00 15.29
N ASP B 210 1.95 -8.46 16.52
CA ASP B 210 3.07 -9.25 17.09
C ASP B 210 3.26 -10.54 16.30
N ILE B 211 2.17 -11.23 15.98
CA ILE B 211 2.28 -12.48 15.17
C ILE B 211 2.80 -12.10 13.79
N GLN B 212 2.22 -11.05 13.19
CA GLN B 212 2.61 -10.68 11.82
C GLN B 212 4.10 -10.33 11.78
N ASP B 213 4.63 -9.63 12.79
CA ASP B 213 6.09 -9.29 12.80
C ASP B 213 6.92 -10.58 12.74
N ASN B 214 6.53 -11.60 13.50
CA ASN B 214 7.26 -12.87 13.55
C ASN B 214 7.16 -13.55 12.16
N LEU B 215 5.99 -13.54 11.53
CA LEU B 215 5.82 -14.07 10.17
C LEU B 215 6.70 -13.30 9.18
N LEU B 216 6.76 -11.97 9.31
CA LEU B 216 7.55 -11.14 8.37
C LEU B 216 9.03 -11.51 8.57
N GLN B 217 9.50 -11.76 9.77
CA GLN B 217 10.90 -12.20 9.98
C GLN B 217 11.13 -13.55 9.29
N ALA B 218 10.20 -14.47 9.41
CA ALA B 218 10.32 -15.80 8.77
C ALA B 218 10.31 -15.64 7.25
N LEU B 219 9.45 -14.77 6.71
CA LEU B 219 9.35 -14.56 5.25
C LEU B 219 10.66 -13.97 4.72
N GLU B 220 11.17 -12.97 5.42
CA GLU B 220 12.46 -12.30 5.06
C GLU B 220 13.55 -13.39 4.95
N LEU B 221 13.67 -14.23 5.95
CA LEU B 221 14.75 -15.23 5.98
C LEU B 221 14.50 -16.26 4.88
N GLN B 222 13.26 -16.71 4.69
CA GLN B 222 12.90 -17.66 3.62
C GLN B 222 13.37 -17.08 2.27
N LEU B 223 13.13 -15.79 2.02
CA LEU B 223 13.37 -15.22 0.67
C LEU B 223 14.87 -15.06 0.46
N LYS B 224 15.58 -14.66 1.50
CA LYS B 224 17.08 -14.50 1.45
C LYS B 224 17.68 -15.87 1.11
N LEU B 225 17.15 -16.95 1.67
CA LEU B 225 17.77 -18.30 1.52
C LEU B 225 17.31 -18.94 0.21
N ASN B 226 16.03 -18.79 -0.12
CA ASN B 226 15.47 -19.47 -1.30
C ASN B 226 15.78 -18.66 -2.56
N HIS B 227 16.00 -17.33 -2.47
CA HIS B 227 16.19 -16.46 -3.66
C HIS B 227 17.36 -15.51 -3.45
N PRO B 228 18.55 -16.08 -3.24
CA PRO B 228 19.70 -15.26 -2.86
C PRO B 228 20.07 -14.23 -3.93
N GLU B 229 19.85 -14.52 -5.21
CA GLU B 229 20.23 -13.58 -6.30
C GLU B 229 19.09 -12.57 -6.58
N SER B 230 17.97 -12.55 -5.84
CA SER B 230 16.80 -11.71 -6.16
C SER B 230 16.82 -10.48 -5.26
N SER B 231 17.25 -9.36 -5.85
CA SER B 231 17.53 -8.08 -5.16
C SER B 231 16.22 -7.55 -4.55
N GLN B 232 16.18 -7.40 -3.23
CA GLN B 232 15.06 -6.74 -2.54
C GLN B 232 13.78 -7.50 -2.88
N LEU B 233 13.84 -8.83 -3.05
CA LEU B 233 12.58 -9.59 -3.33
C LEU B 233 11.58 -9.36 -2.22
N PHE B 234 12.02 -9.38 -0.95
CA PHE B 234 11.13 -9.15 0.21
C PHE B 234 10.34 -7.88 -0.04
N ALA B 235 11.02 -6.80 -0.40
CA ALA B 235 10.37 -5.49 -0.59
C ALA B 235 9.41 -5.57 -1.79
N LYS B 236 9.87 -6.18 -2.87
CA LYS B 236 9.12 -6.27 -4.14
C LYS B 236 7.84 -7.09 -3.88
N LEU B 237 7.96 -8.12 -3.05
CA LEU B 237 6.75 -8.92 -2.70
C LEU B 237 5.81 -8.08 -1.84
N LEU B 238 6.32 -7.38 -0.83
CA LEU B 238 5.42 -6.56 0.01
C LEU B 238 4.76 -5.47 -0.86
N GLN B 239 5.45 -4.95 -1.87
CA GLN B 239 4.89 -3.86 -2.71
C GLN B 239 3.69 -4.42 -3.51
N LYS B 240 3.63 -5.74 -3.74
CA LYS B 240 2.52 -6.34 -4.52
C LYS B 240 1.20 -6.20 -3.76
N MET B 241 1.22 -5.96 -2.46
CA MET B 241 -0.05 -5.66 -1.75
C MET B 241 -0.79 -4.50 -2.41
N THR B 242 -0.08 -3.53 -3.01
CA THR B 242 -0.76 -2.40 -3.66
C THR B 242 -1.64 -2.96 -4.77
N ASP B 243 -1.09 -3.78 -5.66
CA ASP B 243 -1.85 -4.35 -6.82
C ASP B 243 -2.98 -5.24 -6.27
N LEU B 244 -2.66 -6.02 -5.24
CA LEU B 244 -3.58 -7.01 -4.66
C LEU B 244 -4.75 -6.29 -4.02
N ARG B 245 -4.50 -5.22 -3.27
CA ARG B 245 -5.59 -4.49 -2.62
C ARG B 245 -6.43 -3.79 -3.69
N GLN B 246 -5.81 -3.39 -4.79
CA GLN B 246 -6.55 -2.71 -5.89
C GLN B 246 -7.47 -3.75 -6.54
N ILE B 247 -6.97 -4.97 -6.77
CA ILE B 247 -7.78 -6.06 -7.39
C ILE B 247 -9.01 -6.26 -6.52
N VAL B 248 -8.82 -6.30 -5.20
CA VAL B 248 -9.92 -6.64 -4.27
C VAL B 248 -10.93 -5.49 -4.26
N THR B 249 -10.46 -4.27 -4.14
CA THR B 249 -11.37 -3.09 -4.17
C THR B 249 -12.28 -3.20 -5.39
N GLU B 250 -11.71 -3.45 -6.56
CA GLU B 250 -12.44 -3.53 -7.86
C GLU B 250 -13.40 -4.73 -7.80
N HIS B 251 -12.89 -5.84 -7.30
CA HIS B 251 -13.64 -7.12 -7.19
C HIS B 251 -14.92 -6.90 -6.38
N VAL B 252 -14.83 -6.28 -5.22
CA VAL B 252 -15.98 -5.98 -4.33
C VAL B 252 -16.97 -5.11 -5.09
N GLN B 253 -16.51 -4.13 -5.86
CA GLN B 253 -17.40 -3.28 -6.71
C GLN B 253 -18.08 -4.16 -7.76
N LEU B 254 -17.36 -4.99 -8.51
CA LEU B 254 -17.96 -5.92 -9.52
C LEU B 254 -19.05 -6.79 -8.87
N LEU B 255 -18.79 -7.39 -7.70
CA LEU B 255 -19.78 -8.26 -7.01
C LEU B 255 -21.04 -7.47 -6.70
N GLN B 256 -20.90 -6.22 -6.30
CA GLN B 256 -22.05 -5.34 -6.01
C GLN B 256 -22.83 -5.08 -7.31
N VAL B 257 -22.15 -4.83 -8.43
CA VAL B 257 -22.89 -4.62 -9.71
C VAL B 257 -23.70 -5.90 -10.02
N ILE B 258 -23.08 -7.06 -9.91
CA ILE B 258 -23.70 -8.35 -10.28
C ILE B 258 -24.89 -8.64 -9.37
N LYS B 259 -24.77 -8.39 -8.07
CA LYS B 259 -25.87 -8.54 -7.09
C LYS B 259 -27.03 -7.62 -7.51
N LYS B 260 -26.76 -6.32 -7.72
CA LYS B 260 -27.82 -5.30 -7.93
C LYS B 260 -28.40 -5.34 -9.35
N THR B 261 -27.78 -6.01 -10.33
CA THR B 261 -28.26 -5.90 -11.75
C THR B 261 -28.45 -7.26 -12.42
N GLU B 262 -28.26 -8.39 -11.71
CA GLU B 262 -28.42 -9.73 -12.33
C GLU B 262 -29.31 -10.57 -11.41
N GLY C 7 -3.67 21.72 -13.81
CA GLY C 7 -2.74 22.65 -13.09
C GLY C 7 -1.52 21.93 -12.54
N LEU C 8 -1.72 20.73 -11.99
CA LEU C 8 -0.67 19.99 -11.22
C LEU C 8 0.54 19.73 -12.15
N GLU C 9 0.25 19.21 -13.33
CA GLU C 9 1.26 18.96 -14.38
C GLU C 9 1.96 20.28 -14.72
N ALA C 10 1.22 21.37 -14.87
CA ALA C 10 1.82 22.65 -15.30
C ALA C 10 2.82 23.12 -14.25
N ILE C 11 2.45 22.99 -12.98
CA ILE C 11 3.32 23.44 -11.86
C ILE C 11 4.56 22.56 -11.82
N ILE C 12 4.40 21.24 -12.02
CA ILE C 12 5.57 20.30 -12.01
C ILE C 12 6.53 20.68 -13.15
N ARG C 13 6.03 20.83 -14.39
CA ARG C 13 6.89 21.19 -15.56
C ARG C 13 7.58 22.53 -15.30
N LYS C 14 6.85 23.50 -14.75
CA LYS C 14 7.44 24.81 -14.36
C LYS C 14 8.59 24.56 -13.38
N ALA C 15 8.39 23.78 -12.31
CA ALA C 15 9.36 23.60 -11.22
C ALA C 15 10.58 22.80 -11.72
N LEU C 16 10.37 21.90 -12.69
CA LEU C 16 11.45 21.04 -13.24
C LEU C 16 12.41 21.83 -14.14
N MET C 17 11.99 22.95 -14.74
CA MET C 17 12.79 23.65 -15.81
C MET C 17 13.93 24.46 -15.19
N GLY D 7 -23.36 -14.02 5.17
CA GLY D 7 -22.92 -14.99 4.12
C GLY D 7 -21.47 -15.41 4.33
N LEU D 8 -20.51 -14.58 3.93
CA LEU D 8 -19.05 -14.83 4.10
C LEU D 8 -18.75 -15.10 5.59
N GLU D 9 -19.27 -14.27 6.48
CA GLU D 9 -19.03 -14.37 7.94
C GLU D 9 -19.53 -15.72 8.45
N ALA D 10 -20.69 -16.19 7.99
CA ALA D 10 -21.30 -17.47 8.41
C ALA D 10 -20.39 -18.64 8.01
N ILE D 11 -19.92 -18.63 6.76
CA ILE D 11 -19.08 -19.72 6.20
C ILE D 11 -17.80 -19.76 7.05
N ILE D 12 -17.25 -18.59 7.33
CA ILE D 12 -16.01 -18.53 8.15
C ILE D 12 -16.28 -19.07 9.56
N ARG D 13 -17.34 -18.63 10.23
CA ARG D 13 -17.63 -19.10 11.63
C ARG D 13 -17.80 -20.62 11.64
N LYS D 14 -18.49 -21.18 10.64
CA LYS D 14 -18.73 -22.65 10.59
C LYS D 14 -17.39 -23.40 10.39
N ALA D 15 -16.53 -22.89 9.52
CA ALA D 15 -15.19 -23.49 9.29
C ALA D 15 -14.33 -23.35 10.55
N LEU D 16 -14.37 -22.23 11.29
CA LEU D 16 -13.59 -22.09 12.55
C LEU D 16 -14.03 -23.16 13.57
N MET D 17 -15.33 -23.41 13.72
CA MET D 17 -15.91 -24.44 14.65
C MET D 17 -15.32 -25.84 14.37
N GLY D 18 -15.11 -26.21 13.11
CA GLY D 18 -14.37 -27.43 12.70
C GLY D 18 -15.17 -28.69 12.93
#